data_8JMO
#
_entry.id   8JMO
#
_cell.length_a   42.624
_cell.length_b   85.423
_cell.length_c   148.064
_cell.angle_alpha   90.00
_cell.angle_beta   90.00
_cell.angle_gamma   90.00
#
_symmetry.space_group_name_H-M   'P 21 21 21'
#
loop_
_entity.id
_entity.type
_entity.pdbx_description
1 polymer 'Leaf-branch compost cutinase'
2 non-polymer 'CALCIUM ION'
3 non-polymer '4-(4-oxidanylbutoxycarbonyl)benzoic acid'
4 water water
#
_entity_poly.entity_id   1
_entity_poly.type   'polypeptide(L)'
_entity_poly.pdbx_seq_one_letter_code
;GMSNPYQRGPNPTRSALTADGPFSVATYTVSRLSVSGFGGGVIYYPTGTSLTFGGIAMSPGYTADASSLAWLGRRLASHG
FVVLVINTNSRFDGPDSRASQLSAALNYLRTSSPSAVRARLDANRLAVAGHAMGGGGTLRIAEQNPSLKAAVPLTPWHTD
KTFNTSVPVLIVGAEADTVAPVSQHAIPFYQNLPSTTPKVYVELCNASHIAPNSNNAAISVYTISWMKLWVDNDTRYRQF
LCNVNDPALCDFRTNNRHCQ
;
_entity_poly.pdbx_strand_id   A,B
#
loop_
_chem_comp.id
_chem_comp.type
_chem_comp.name
_chem_comp.formula
CA non-polymer 'CALCIUM ION' 'Ca 2'
E7J non-polymer '4-(4-oxidanylbutoxycarbonyl)benzoic acid' 'C12 H14 O5'
#
# COMPACT_ATOMS: atom_id res chain seq x y z
N SER A 3 -7.23 6.26 30.83
CA SER A 3 -6.62 7.30 30.01
C SER A 3 -6.34 6.77 28.60
N ASN A 4 -5.96 5.50 28.51
CA ASN A 4 -5.89 4.83 27.22
C ASN A 4 -7.27 4.22 26.92
N PRO A 5 -8.02 4.76 25.96
CA PRO A 5 -9.37 4.24 25.70
C PRO A 5 -9.38 2.83 25.10
N TYR A 6 -8.26 2.34 24.62
CA TYR A 6 -8.19 1.01 24.02
C TYR A 6 -7.68 -0.04 25.01
N GLN A 7 -7.36 0.38 26.23
CA GLN A 7 -6.81 -0.56 27.20
C GLN A 7 -7.89 -1.52 27.67
N ARG A 8 -7.56 -2.82 27.71
CA ARG A 8 -8.47 -3.86 28.12
C ARG A 8 -7.79 -4.84 29.08
N GLY A 9 -8.58 -5.42 29.99
CA GLY A 9 -8.12 -6.48 30.86
C GLY A 9 -7.32 -6.00 32.05
N PRO A 10 -7.19 -6.85 33.08
CA PRO A 10 -6.42 -6.47 34.26
C PRO A 10 -4.93 -6.43 33.94
N ASN A 11 -4.16 -5.86 34.86
CA ASN A 11 -2.72 -5.77 34.66
C ASN A 11 -2.14 -7.15 34.38
N PRO A 12 -1.32 -7.32 33.35
CA PRO A 12 -0.90 -8.65 32.93
C PRO A 12 0.16 -9.26 33.84
N THR A 13 0.13 -10.59 33.88
CA THR A 13 1.17 -11.43 34.47
C THR A 13 1.59 -12.45 33.44
N ARG A 14 2.82 -12.93 33.52
CA ARG A 14 3.27 -13.93 32.54
C ARG A 14 2.41 -15.19 32.62
N SER A 15 2.05 -15.60 33.84
CA SER A 15 1.14 -16.72 34.00
C SER A 15 -0.15 -16.47 33.24
N ALA A 16 -0.71 -15.26 33.36
CA ALA A 16 -1.99 -14.96 32.72
C ALA A 16 -1.92 -15.02 31.20
N LEU A 17 -0.75 -14.75 30.61
CA LEU A 17 -0.59 -14.76 29.16
C LEU A 17 -0.28 -16.14 28.60
N THR A 18 -0.23 -17.17 29.45
CA THR A 18 -0.06 -18.54 28.99
C THR A 18 -1.38 -19.30 28.99
N ALA A 19 -2.49 -18.63 29.23
CA ALA A 19 -3.80 -19.27 29.24
C ALA A 19 -4.81 -18.29 28.65
N ASP A 20 -5.99 -18.81 28.30
CA ASP A 20 -7.05 -17.97 27.78
C ASP A 20 -7.38 -16.86 28.78
N GLY A 21 -7.73 -15.69 28.25
CA GLY A 21 -7.78 -14.46 29.02
C GLY A 21 -9.11 -14.13 29.68
N PRO A 22 -9.33 -12.85 29.98
CA PRO A 22 -10.51 -12.45 30.76
C PRO A 22 -11.84 -12.51 30.01
N PHE A 23 -11.84 -12.69 28.69
CA PHE A 23 -13.06 -12.57 27.92
C PHE A 23 -13.55 -13.92 27.43
N SER A 24 -14.87 -14.13 27.52
CA SER A 24 -15.51 -15.23 26.81
C SER A 24 -15.39 -15.01 25.31
N VAL A 25 -15.33 -16.11 24.56
CA VAL A 25 -15.09 -16.07 23.13
C VAL A 25 -16.27 -16.73 22.41
N ALA A 26 -16.74 -16.10 21.35
CA ALA A 26 -17.64 -16.76 20.41
C ALA A 26 -16.95 -16.88 19.07
N THR A 27 -17.54 -17.68 18.19
CA THR A 27 -16.99 -17.87 16.85
C THR A 27 -18.05 -17.62 15.80
N TYR A 28 -17.58 -17.19 14.63
CA TYR A 28 -18.40 -17.03 13.45
C TYR A 28 -17.67 -17.71 12.29
N THR A 29 -18.30 -18.74 11.72
CA THR A 29 -17.70 -19.44 10.60
C THR A 29 -17.99 -18.68 9.32
N VAL A 30 -16.93 -18.25 8.64
CA VAL A 30 -17.02 -17.58 7.35
C VAL A 30 -16.92 -18.65 6.27
N SER A 31 -18.03 -18.92 5.58
CA SER A 31 -18.02 -19.97 4.59
C SER A 31 -17.21 -19.56 3.38
N ARG A 32 -16.53 -20.54 2.78
CA ARG A 32 -15.77 -20.33 1.55
C ARG A 32 -16.60 -19.63 0.47
N LEU A 33 -17.85 -20.04 0.30
CA LEU A 33 -18.67 -19.44 -0.76
C LEU A 33 -19.09 -18.02 -0.42
N SER A 34 -19.13 -17.66 0.86
CA SER A 34 -19.61 -16.33 1.23
C SER A 34 -18.65 -15.21 0.86
N VAL A 35 -17.41 -15.52 0.48
CA VAL A 35 -16.43 -14.47 0.24
C VAL A 35 -15.63 -14.76 -1.03
N SER A 36 -15.07 -13.69 -1.57
CA SER A 36 -14.10 -13.72 -2.66
C SER A 36 -12.77 -13.18 -2.15
N GLY A 37 -11.68 -13.69 -2.69
CA GLY A 37 -10.36 -13.23 -2.32
C GLY A 37 -9.67 -14.04 -1.23
N PHE A 38 -10.38 -14.93 -0.56
CA PHE A 38 -9.79 -15.86 0.40
C PHE A 38 -10.77 -17.00 0.62
N GLY A 39 -10.31 -18.03 1.33
CA GLY A 39 -11.08 -19.25 1.47
C GLY A 39 -12.03 -19.31 2.65
N GLY A 40 -12.49 -18.17 3.14
CA GLY A 40 -13.28 -18.20 4.35
C GLY A 40 -12.41 -18.41 5.56
N GLY A 41 -13.03 -18.83 6.65
CA GLY A 41 -12.27 -19.06 7.87
C GLY A 41 -13.18 -19.00 9.09
N VAL A 42 -12.56 -18.63 10.22
CA VAL A 42 -13.27 -18.56 11.49
C VAL A 42 -12.90 -17.26 12.18
N ILE A 43 -13.91 -16.52 12.64
CA ILE A 43 -13.69 -15.34 13.46
C ILE A 43 -13.89 -15.72 14.91
N TYR A 44 -12.88 -15.46 15.73
CA TYR A 44 -12.97 -15.55 17.17
C TYR A 44 -13.16 -14.16 17.74
N TYR A 45 -14.19 -13.96 18.56
CA TYR A 45 -14.41 -12.61 19.05
C TYR A 45 -14.96 -12.63 20.47
N PRO A 46 -14.73 -11.57 21.24
CA PRO A 46 -15.21 -11.53 22.63
C PRO A 46 -16.72 -11.38 22.72
N THR A 47 -17.32 -12.10 23.65
CA THR A 47 -18.73 -11.98 23.99
C THR A 47 -18.90 -11.70 25.47
N GLY A 48 -20.15 -11.58 25.89
CA GLY A 48 -20.42 -11.13 27.25
C GLY A 48 -19.91 -9.75 27.55
N THR A 49 -19.79 -8.90 26.53
CA THR A 49 -19.19 -7.58 26.69
C THR A 49 -19.80 -6.61 25.70
N SER A 50 -19.80 -5.33 26.05
CA SER A 50 -20.19 -4.31 25.09
C SER A 50 -19.01 -3.55 24.50
N LEU A 51 -17.79 -3.97 24.82
CA LEU A 51 -16.61 -3.24 24.38
C LEU A 51 -16.27 -3.58 22.93
N THR A 52 -15.40 -2.74 22.35
CA THR A 52 -14.78 -3.00 21.06
C THR A 52 -13.30 -3.25 21.23
N PHE A 53 -12.72 -3.91 20.22
CA PHE A 53 -11.37 -4.44 20.29
C PHE A 53 -10.73 -4.34 18.91
N GLY A 54 -9.40 -4.23 18.89
CA GLY A 54 -8.69 -4.30 17.63
C GLY A 54 -8.85 -5.66 16.96
N GLY A 55 -8.53 -5.71 15.67
CA GLY A 55 -8.75 -6.89 14.88
C GLY A 55 -7.47 -7.44 14.30
N ILE A 56 -7.43 -8.75 14.09
CA ILE A 56 -6.24 -9.45 13.63
C ILE A 56 -6.67 -10.44 12.55
N ALA A 57 -5.99 -10.40 11.41
CA ALA A 57 -6.16 -11.41 10.38
C ALA A 57 -4.94 -12.33 10.41
N MET A 58 -5.18 -13.65 10.41
CA MET A 58 -4.13 -14.63 10.63
C MET A 58 -4.18 -15.69 9.53
N SER A 59 -3.01 -16.05 9.00
CA SER A 59 -2.95 -17.00 7.90
C SER A 59 -2.17 -18.23 8.30
N PRO A 60 -2.69 -19.45 8.02
CA PRO A 60 -1.89 -20.65 8.24
C PRO A 60 -0.90 -20.88 7.09
N GLY A 61 -0.20 -22.01 7.13
CA GLY A 61 0.90 -22.26 6.22
C GLY A 61 0.53 -23.22 5.10
N TYR A 62 1.58 -23.64 4.39
CA TYR A 62 1.45 -24.55 3.26
C TYR A 62 0.78 -25.85 3.69
N THR A 63 -0.24 -26.25 2.94
CA THR A 63 -1.08 -27.45 3.09
C THR A 63 -1.99 -27.40 4.31
N ALA A 64 -2.00 -26.33 5.10
CA ALA A 64 -2.72 -26.31 6.35
C ALA A 64 -4.02 -25.51 6.22
N ASP A 65 -4.91 -25.70 7.18
CA ASP A 65 -6.15 -24.94 7.20
C ASP A 65 -6.23 -24.13 8.48
N ALA A 66 -7.36 -23.44 8.65
CA ALA A 66 -7.54 -22.53 9.77
C ALA A 66 -7.43 -23.26 11.10
N SER A 67 -7.80 -24.55 11.14
CA SER A 67 -7.76 -25.28 12.40
C SER A 67 -6.36 -25.36 12.99
N SER A 68 -5.32 -25.22 12.16
CA SER A 68 -3.94 -25.33 12.64
C SER A 68 -3.54 -24.17 13.54
N LEU A 69 -4.30 -23.08 13.57
CA LEU A 69 -4.07 -21.96 14.46
C LEU A 69 -5.29 -21.67 15.33
N ALA A 70 -6.21 -22.62 15.43
CA ALA A 70 -7.44 -22.39 16.19
C ALA A 70 -7.15 -22.05 17.65
N TRP A 71 -6.19 -22.74 18.28
CA TRP A 71 -5.84 -22.45 19.67
C TRP A 71 -5.39 -20.99 19.82
N LEU A 72 -4.58 -20.51 18.88
CA LEU A 72 -4.06 -19.15 18.98
C LEU A 72 -5.16 -18.13 18.68
N GLY A 73 -6.03 -18.43 17.72
CA GLY A 73 -7.14 -17.52 17.45
C GLY A 73 -8.03 -17.33 18.65
N ARG A 74 -8.34 -18.43 19.35
CA ARG A 74 -9.14 -18.36 20.57
C ARG A 74 -8.37 -17.71 21.71
N ARG A 75 -7.08 -17.99 21.83
CA ARG A 75 -6.27 -17.38 22.89
C ARG A 75 -6.23 -15.87 22.77
N LEU A 76 -5.96 -15.37 21.56
CA LEU A 76 -5.92 -13.92 21.34
C LEU A 76 -7.28 -13.29 21.55
N ALA A 77 -8.33 -13.90 20.99
CA ALA A 77 -9.69 -13.39 21.21
C ALA A 77 -9.99 -13.27 22.70
N SER A 78 -9.67 -14.32 23.47
CA SER A 78 -9.93 -14.33 24.90
C SER A 78 -9.17 -13.25 25.66
N HIS A 79 -8.12 -12.68 25.10
CA HIS A 79 -7.45 -11.55 25.76
C HIS A 79 -7.93 -10.21 25.25
N GLY A 80 -8.89 -10.19 24.33
CA GLY A 80 -9.49 -8.95 23.88
C GLY A 80 -9.13 -8.56 22.45
N PHE A 81 -9.43 -9.44 21.50
CA PHE A 81 -9.20 -9.18 20.08
C PHE A 81 -10.27 -9.87 19.25
N VAL A 82 -10.54 -9.32 18.08
CA VAL A 82 -11.33 -9.99 17.04
C VAL A 82 -10.33 -10.61 16.09
N VAL A 83 -10.40 -11.93 15.91
CA VAL A 83 -9.36 -12.64 15.16
C VAL A 83 -10.00 -13.47 14.05
N LEU A 84 -9.64 -13.17 12.81
CA LEU A 84 -10.07 -13.96 11.66
C LEU A 84 -8.90 -14.81 11.20
N VAL A 85 -8.99 -16.11 11.45
CA VAL A 85 -8.05 -17.09 10.92
C VAL A 85 -8.61 -17.58 9.61
N ILE A 86 -7.87 -17.37 8.52
CA ILE A 86 -8.39 -17.68 7.19
C ILE A 86 -8.03 -19.09 6.78
N ASN A 87 -8.90 -19.67 5.94
CA ASN A 87 -8.51 -20.71 5.00
C ASN A 87 -8.14 -20.06 3.67
N THR A 88 -7.24 -20.70 2.93
CA THR A 88 -6.79 -20.14 1.66
C THR A 88 -7.57 -20.76 0.50
N ASN A 89 -7.54 -20.07 -0.65
CA ASN A 89 -8.26 -20.56 -1.82
C ASN A 89 -7.80 -21.97 -2.19
N SER A 90 -6.49 -22.19 -2.21
CA SER A 90 -5.94 -23.53 -2.36
C SER A 90 -4.96 -23.78 -1.22
N ARG A 91 -4.91 -25.03 -0.75
CA ARG A 91 -3.95 -25.33 0.31
C ARG A 91 -2.51 -25.18 -0.16
N PHE A 92 -2.27 -25.14 -1.47
CA PHE A 92 -0.92 -25.02 -2.00
C PHE A 92 -0.54 -23.59 -2.39
N ASP A 93 -1.35 -22.60 -2.02
CA ASP A 93 -1.02 -21.21 -2.27
C ASP A 93 0.30 -20.84 -1.58
N GLY A 94 1.11 -20.02 -2.26
CA GLY A 94 2.37 -19.58 -1.72
C GLY A 94 2.22 -18.35 -0.84
N PRO A 95 3.36 -17.84 -0.36
CA PRO A 95 3.31 -16.75 0.62
C PRO A 95 2.73 -15.44 0.07
N ASP A 96 3.06 -15.07 -1.16
CA ASP A 96 2.50 -13.83 -1.68
C ASP A 96 1.01 -13.98 -1.96
N SER A 97 0.57 -15.18 -2.35
CA SER A 97 -0.87 -15.41 -2.45
C SER A 97 -1.54 -15.27 -1.08
N ARG A 98 -0.89 -15.78 -0.03
CA ARG A 98 -1.44 -15.64 1.32
C ARG A 98 -1.52 -14.18 1.75
N ALA A 99 -0.56 -13.35 1.34
CA ALA A 99 -0.66 -11.92 1.59
C ALA A 99 -1.93 -11.35 0.98
N SER A 100 -2.19 -11.65 -0.30
CA SER A 100 -3.40 -11.16 -0.94
C SER A 100 -4.64 -11.61 -0.19
N GLN A 101 -4.62 -12.82 0.34
CA GLN A 101 -5.78 -13.32 1.05
C GLN A 101 -5.90 -12.72 2.44
N LEU A 102 -4.79 -12.41 3.11
CA LEU A 102 -4.86 -11.59 4.32
C LEU A 102 -5.47 -10.21 4.01
N SER A 103 -5.06 -9.60 2.90
CA SER A 103 -5.59 -8.29 2.50
C SER A 103 -7.10 -8.35 2.29
N ALA A 104 -7.59 -9.40 1.63
CA ALA A 104 -9.04 -9.59 1.48
C ALA A 104 -9.72 -9.80 2.83
N ALA A 105 -9.06 -10.53 3.74
CA ALA A 105 -9.66 -10.78 5.05
C ALA A 105 -9.77 -9.50 5.86
N LEU A 106 -8.77 -8.63 5.78
CA LEU A 106 -8.85 -7.35 6.47
C LEU A 106 -9.94 -6.47 5.88
N ASN A 107 -10.06 -6.43 4.56
CA ASN A 107 -11.11 -5.63 3.95
C ASN A 107 -12.48 -6.18 4.33
N TYR A 108 -12.60 -7.50 4.38
CA TYR A 108 -13.85 -8.12 4.84
C TYR A 108 -14.17 -7.68 6.27
N LEU A 109 -13.15 -7.64 7.14
CA LEU A 109 -13.39 -7.20 8.52
C LEU A 109 -13.86 -5.77 8.56
N ARG A 110 -13.26 -4.89 7.76
CA ARG A 110 -13.58 -3.47 7.84
C ARG A 110 -14.83 -3.09 7.07
N THR A 111 -15.28 -3.90 6.10
CA THR A 111 -16.40 -3.50 5.26
C THR A 111 -17.54 -4.51 5.20
N SER A 112 -17.30 -5.78 5.54
CA SER A 112 -18.29 -6.83 5.34
C SER A 112 -18.48 -7.69 6.59
N SER A 113 -18.10 -7.19 7.75
CA SER A 113 -18.21 -7.97 8.98
C SER A 113 -19.67 -8.31 9.28
N PRO A 114 -19.94 -9.49 9.82
CA PRO A 114 -21.23 -9.75 10.44
C PRO A 114 -21.50 -8.73 11.54
N SER A 115 -22.77 -8.37 11.73
CA SER A 115 -23.14 -7.40 12.77
C SER A 115 -22.62 -7.81 14.14
N ALA A 116 -22.57 -9.11 14.44
CA ALA A 116 -22.08 -9.54 15.74
C ALA A 116 -20.60 -9.27 15.88
N VAL A 117 -19.85 -9.36 14.77
CA VAL A 117 -18.42 -9.07 14.78
C VAL A 117 -18.17 -7.56 14.77
N ARG A 118 -18.91 -6.81 13.97
CA ARG A 118 -18.65 -5.39 13.82
C ARG A 118 -18.91 -4.64 15.12
N ALA A 119 -19.92 -5.06 15.89
CA ALA A 119 -20.22 -4.39 17.15
C ALA A 119 -19.10 -4.54 18.16
N ARG A 120 -18.26 -5.56 18.02
CA ARG A 120 -17.12 -5.77 18.89
C ARG A 120 -15.80 -5.32 18.27
N LEU A 121 -15.82 -4.74 17.08
CA LEU A 121 -14.61 -4.45 16.32
C LEU A 121 -14.36 -2.96 16.21
N ASP A 122 -13.13 -2.54 16.51
CA ASP A 122 -12.65 -1.22 16.13
C ASP A 122 -11.81 -1.45 14.88
N ALA A 123 -12.42 -1.21 13.72
CA ALA A 123 -11.78 -1.46 12.43
C ALA A 123 -10.62 -0.52 12.15
N ASN A 124 -10.45 0.55 12.93
CA ASN A 124 -9.28 1.42 12.79
C ASN A 124 -8.00 0.79 13.32
N ARG A 125 -8.08 -0.33 14.04
CA ARG A 125 -6.89 -0.91 14.69
C ARG A 125 -6.77 -2.38 14.29
N LEU A 126 -5.94 -2.64 13.28
CA LEU A 126 -5.82 -3.95 12.66
C LEU A 126 -4.35 -4.37 12.62
N ALA A 127 -4.12 -5.68 12.74
CA ALA A 127 -2.79 -6.24 12.64
C ALA A 127 -2.89 -7.58 11.91
N VAL A 128 -1.73 -8.18 11.65
CA VAL A 128 -1.65 -9.45 10.92
C VAL A 128 -0.68 -10.38 11.62
N ALA A 129 -0.90 -11.68 11.40
CA ALA A 129 -0.03 -12.71 11.91
C ALA A 129 -0.15 -13.93 11.00
N GLY A 130 0.82 -14.82 11.08
CA GLY A 130 0.78 -15.94 10.16
C GLY A 130 1.80 -17.00 10.50
N HIS A 131 1.48 -18.26 10.19
CA HIS A 131 2.39 -19.38 10.38
C HIS A 131 3.03 -19.78 9.05
N ALA A 132 4.37 -19.83 9.03
CA ALA A 132 5.17 -20.40 7.93
C ALA A 132 4.95 -19.58 6.67
N MET A 133 4.49 -20.16 5.55
CA MET A 133 4.16 -19.35 4.38
C MET A 133 3.18 -18.25 4.75
N GLY A 134 2.28 -18.51 5.70
CA GLY A 134 1.41 -17.47 6.20
C GLY A 134 2.17 -16.33 6.85
N GLY A 135 3.29 -16.63 7.51
CA GLY A 135 4.12 -15.57 8.06
C GLY A 135 4.91 -14.83 7.00
N GLY A 136 5.32 -15.52 5.94
CA GLY A 136 5.82 -14.83 4.77
C GLY A 136 4.80 -13.85 4.22
N GLY A 137 3.56 -14.30 4.08
CA GLY A 137 2.52 -13.40 3.60
C GLY A 137 2.32 -12.22 4.53
N THR A 138 2.51 -12.43 5.84
CA THR A 138 2.39 -11.35 6.81
C THR A 138 3.43 -10.25 6.55
N LEU A 139 4.65 -10.65 6.18
CA LEU A 139 5.69 -9.65 5.92
C LEU A 139 5.39 -8.87 4.66
N ARG A 140 4.90 -9.54 3.61
CA ARG A 140 4.57 -8.85 2.38
C ARG A 140 3.44 -7.85 2.59
N ILE A 141 2.39 -8.23 3.35
CA ILE A 141 1.29 -7.30 3.54
C ILE A 141 1.73 -6.13 4.40
N ALA A 142 2.65 -6.34 5.33
CA ALA A 142 3.19 -5.24 6.13
C ALA A 142 3.89 -4.21 5.24
N GLU A 143 4.48 -4.66 4.13
CA GLU A 143 5.15 -3.75 3.21
C GLU A 143 4.16 -2.92 2.44
N GLN A 144 3.01 -3.52 2.09
CA GLN A 144 2.05 -2.82 1.25
C GLN A 144 1.16 -1.87 2.06
N ASN A 145 0.81 -2.24 3.29
CA ASN A 145 -0.25 -1.56 4.04
C ASN A 145 0.35 -0.91 5.28
N PRO A 146 0.72 0.37 5.21
CA PRO A 146 1.36 1.03 6.38
C PRO A 146 0.42 1.28 7.54
N SER A 147 -0.89 1.16 7.34
CA SER A 147 -1.86 1.37 8.40
C SER A 147 -1.86 0.27 9.46
N LEU A 148 -1.34 -0.92 9.13
CA LEU A 148 -1.34 -2.01 10.09
C LEU A 148 -0.56 -1.64 11.34
N LYS A 149 -1.08 -2.05 12.49
CA LYS A 149 -0.46 -1.69 13.76
C LYS A 149 0.70 -2.60 14.12
N ALA A 150 0.69 -3.86 13.65
CA ALA A 150 1.72 -4.83 14.01
C ALA A 150 1.65 -6.02 13.07
N ALA A 151 2.74 -6.79 13.07
CA ALA A 151 2.83 -8.03 12.30
C ALA A 151 3.62 -9.04 13.11
N VAL A 152 3.13 -10.28 13.15
CA VAL A 152 3.83 -11.33 13.89
C VAL A 152 3.96 -12.56 13.01
N PRO A 153 5.10 -12.75 12.34
CA PRO A 153 5.33 -13.97 11.56
C PRO A 153 5.85 -15.07 12.46
N LEU A 154 5.18 -16.23 12.41
CA LEU A 154 5.49 -17.35 13.27
C LEU A 154 6.17 -18.42 12.43
N THR A 155 7.40 -18.81 12.82
CA THR A 155 8.28 -19.66 12.04
C THR A 155 8.11 -19.40 10.54
N PRO A 156 8.34 -18.17 10.09
CA PRO A 156 7.94 -17.79 8.73
C PRO A 156 8.80 -18.44 7.66
N TRP A 157 8.23 -18.48 6.45
CA TRP A 157 8.86 -19.03 5.25
C TRP A 157 8.56 -18.10 4.08
N HIS A 158 9.59 -17.71 3.33
CA HIS A 158 9.42 -16.92 2.13
C HIS A 158 10.71 -16.95 1.34
N THR A 159 10.58 -17.00 0.00
CA THR A 159 11.74 -16.86 -0.87
C THR A 159 12.23 -15.40 -0.91
N ASP A 160 11.32 -14.46 -0.75
CA ASP A 160 11.73 -13.06 -0.57
C ASP A 160 12.27 -12.90 0.85
N LYS A 161 13.52 -12.44 0.96
CA LYS A 161 14.17 -12.23 2.26
C LYS A 161 14.16 -10.76 2.69
N THR A 162 13.62 -9.86 1.87
CA THR A 162 13.82 -8.42 2.03
C THR A 162 12.47 -7.71 2.05
N PHE A 163 12.11 -7.14 3.18
CA PHE A 163 10.84 -6.45 3.30
C PHE A 163 11.08 -5.06 3.86
N ASN A 164 10.40 -4.07 3.29
CA ASN A 164 10.46 -2.70 3.76
C ASN A 164 9.12 -2.36 4.39
N THR A 165 9.10 -2.17 5.70
CA THR A 165 7.88 -1.76 6.39
C THR A 165 8.25 -1.00 7.66
N SER A 166 7.41 -0.04 8.04
CA SER A 166 7.51 0.59 9.34
C SER A 166 6.57 -0.03 10.37
N VAL A 167 5.74 -0.98 9.93
CA VAL A 167 4.88 -1.72 10.88
C VAL A 167 5.76 -2.49 11.85
N PRO A 168 5.56 -2.38 13.16
CA PRO A 168 6.40 -3.13 14.11
C PRO A 168 6.26 -4.64 13.93
N VAL A 169 7.39 -5.34 13.93
CA VAL A 169 7.44 -6.76 13.59
C VAL A 169 8.11 -7.52 14.72
N LEU A 170 7.46 -8.57 15.20
CA LEU A 170 8.07 -9.57 16.07
C LEU A 170 8.02 -10.92 15.37
N ILE A 171 9.19 -11.51 15.13
CA ILE A 171 9.31 -12.79 14.45
C ILE A 171 9.65 -13.85 15.49
N VAL A 172 8.95 -14.98 15.41
CA VAL A 172 9.20 -16.13 16.28
C VAL A 172 9.86 -17.21 15.43
N GLY A 173 11.09 -17.56 15.78
CA GLY A 173 11.76 -18.68 15.15
C GLY A 173 11.74 -19.91 16.04
N ALA A 174 11.93 -21.07 15.43
CA ALA A 174 12.02 -22.35 16.12
C ALA A 174 13.40 -22.94 15.87
N GLU A 175 14.15 -23.17 16.95
CA GLU A 175 15.54 -23.60 16.86
C GLU A 175 15.72 -24.81 15.96
N ALA A 176 14.87 -25.82 16.11
CA ALA A 176 15.04 -27.08 15.38
C ALA A 176 14.23 -27.13 14.09
N ASP A 177 13.74 -25.98 13.61
CA ASP A 177 12.94 -25.94 12.38
C ASP A 177 13.76 -26.38 11.17
N THR A 178 13.34 -27.50 10.56
CA THR A 178 13.94 -27.97 9.33
C THR A 178 13.12 -27.62 8.09
N VAL A 179 11.90 -27.15 8.27
CA VAL A 179 11.07 -26.77 7.13
C VAL A 179 11.35 -25.33 6.70
N ALA A 180 11.41 -24.41 7.67
CA ALA A 180 11.83 -23.03 7.42
C ALA A 180 12.98 -22.70 8.36
N PRO A 181 14.17 -23.24 8.09
CA PRO A 181 15.31 -23.04 9.02
C PRO A 181 15.53 -21.56 9.31
N VAL A 182 15.75 -21.26 10.60
CA VAL A 182 15.80 -19.85 10.99
C VAL A 182 16.98 -19.16 10.33
N SER A 183 18.07 -19.91 10.05
CA SER A 183 19.22 -19.32 9.36
C SER A 183 18.88 -18.89 7.94
N GLN A 184 17.84 -19.47 7.33
CA GLN A 184 17.51 -19.12 5.95
C GLN A 184 16.27 -18.25 5.83
N HIS A 185 15.41 -18.19 6.84
CA HIS A 185 14.17 -17.43 6.77
C HIS A 185 14.02 -16.41 7.89
N ALA A 186 13.66 -16.87 9.10
CA ALA A 186 13.35 -15.96 10.20
C ALA A 186 14.43 -14.91 10.45
N ILE A 187 15.69 -15.33 10.53
CA ILE A 187 16.74 -14.38 10.87
C ILE A 187 17.05 -13.44 9.71
N PRO A 188 17.19 -13.93 8.46
CA PRO A 188 17.29 -12.96 7.34
C PRO A 188 16.13 -11.97 7.30
N PHE A 189 14.90 -12.42 7.57
CA PHE A 189 13.77 -11.50 7.60
C PHE A 189 14.00 -10.39 8.62
N TYR A 190 14.39 -10.78 9.83
CA TYR A 190 14.65 -9.81 10.89
C TYR A 190 15.77 -8.86 10.48
N GLN A 191 16.86 -9.42 9.96
CA GLN A 191 18.04 -8.60 9.71
C GLN A 191 17.83 -7.61 8.57
N ASN A 192 17.03 -7.97 7.56
CA ASN A 192 16.84 -7.12 6.39
C ASN A 192 15.66 -6.15 6.55
N LEU A 193 14.87 -6.27 7.60
CA LEU A 193 13.94 -5.22 7.95
C LEU A 193 14.70 -3.93 8.27
N PRO A 194 14.07 -2.78 8.05
CA PRO A 194 14.77 -1.50 8.34
C PRO A 194 15.20 -1.40 9.80
N SER A 195 16.38 -0.82 10.00
CA SER A 195 16.91 -0.61 11.35
C SER A 195 16.09 0.39 12.15
N THR A 196 15.33 1.24 11.47
CA THR A 196 14.45 2.22 12.12
C THR A 196 13.09 1.65 12.49
N THR A 197 12.78 0.45 12.06
CA THR A 197 11.49 -0.15 12.38
C THR A 197 11.59 -0.96 13.67
N PRO A 198 10.71 -0.73 14.64
CA PRO A 198 10.75 -1.55 15.87
C PRO A 198 10.57 -3.01 15.52
N LYS A 199 11.56 -3.83 15.88
CA LYS A 199 11.57 -5.23 15.52
C LYS A 199 12.15 -6.06 16.66
N VAL A 200 11.66 -7.29 16.75
CA VAL A 200 12.12 -8.27 17.73
C VAL A 200 12.15 -9.63 17.06
N TYR A 201 13.22 -10.39 17.31
CA TYR A 201 13.34 -11.78 16.90
C TYR A 201 13.53 -12.62 18.16
N VAL A 202 12.67 -13.62 18.36
CA VAL A 202 12.86 -14.58 19.43
C VAL A 202 12.95 -15.97 18.80
N GLU A 203 13.80 -16.82 19.37
CA GLU A 203 13.96 -18.17 18.86
C GLU A 203 13.68 -19.14 20.01
N LEU A 204 12.67 -19.98 19.84
CA LEU A 204 12.29 -20.93 20.89
C LEU A 204 13.26 -22.10 20.92
N CYS A 205 13.80 -22.38 22.11
CA CYS A 205 14.69 -23.52 22.28
C CYS A 205 13.99 -24.81 21.88
N ASN A 206 14.69 -25.63 21.11
CA ASN A 206 14.33 -27.02 20.80
C ASN A 206 13.02 -27.15 20.04
N ALA A 207 12.40 -26.03 19.63
CA ALA A 207 11.07 -26.10 19.05
C ALA A 207 11.15 -26.52 17.60
N SER A 208 10.06 -27.12 17.14
CA SER A 208 9.93 -27.59 15.76
C SER A 208 9.07 -26.62 14.94
N HIS A 209 9.03 -26.86 13.63
CA HIS A 209 8.24 -26.05 12.72
C HIS A 209 6.77 -26.03 13.10
N ILE A 210 6.27 -27.09 13.74
CA ILE A 210 4.85 -27.17 14.07
C ILE A 210 4.56 -26.67 15.48
N ALA A 211 5.56 -26.14 16.19
CA ALA A 211 5.30 -25.55 17.49
C ALA A 211 4.15 -24.54 17.47
N PRO A 212 3.99 -23.68 16.46
CA PRO A 212 2.85 -22.75 16.48
C PRO A 212 1.49 -23.42 16.32
N ASN A 213 1.44 -24.72 15.98
CA ASN A 213 0.17 -25.38 15.67
C ASN A 213 -0.50 -25.98 16.90
N SER A 214 0.06 -25.82 18.10
CA SER A 214 -0.65 -26.22 19.30
C SER A 214 -0.22 -25.30 20.44
N ASN A 215 -0.95 -25.40 21.55
CA ASN A 215 -0.77 -24.50 22.68
C ASN A 215 0.70 -24.41 23.04
N ASN A 216 1.19 -23.17 23.12
CA ASN A 216 2.62 -22.90 23.31
C ASN A 216 2.74 -21.65 24.18
N ALA A 217 3.39 -21.80 25.34
CA ALA A 217 3.45 -20.70 26.30
C ALA A 217 4.21 -19.50 25.73
N ALA A 218 5.37 -19.76 25.13
CA ALA A 218 6.18 -18.65 24.65
C ALA A 218 5.47 -17.91 23.52
N ILE A 219 4.95 -18.65 22.53
CA ILE A 219 4.22 -18.03 21.43
C ILE A 219 3.05 -17.20 21.97
N SER A 220 2.33 -17.73 22.96
CA SER A 220 1.22 -17.01 23.53
C SER A 220 1.69 -15.70 24.16
N VAL A 221 2.75 -15.77 24.99
CA VAL A 221 3.23 -14.56 25.66
C VAL A 221 3.66 -13.50 24.65
N TYR A 222 4.50 -13.86 23.69
CA TYR A 222 5.06 -12.82 22.82
C TYR A 222 4.03 -12.29 21.83
N THR A 223 3.14 -13.16 21.34
CA THR A 223 2.12 -12.69 20.38
C THR A 223 1.10 -11.79 21.06
N ILE A 224 0.59 -12.19 22.23
CA ILE A 224 -0.35 -11.33 22.95
C ILE A 224 0.31 -9.99 23.29
N SER A 225 1.54 -10.02 23.79
CA SER A 225 2.21 -8.79 24.22
C SER A 225 2.45 -7.84 23.05
N TRP A 226 2.93 -8.37 21.92
CA TRP A 226 3.14 -7.50 20.75
C TRP A 226 1.84 -6.90 20.26
N MET A 227 0.76 -7.71 20.20
CA MET A 227 -0.52 -7.18 19.74
C MET A 227 -1.09 -6.17 20.73
N LYS A 228 -1.04 -6.48 22.03
CA LYS A 228 -1.47 -5.52 23.04
C LYS A 228 -0.70 -4.21 22.92
N LEU A 229 0.61 -4.29 22.74
CA LEU A 229 1.44 -3.08 22.77
C LEU A 229 1.08 -2.16 21.61
N TRP A 230 0.89 -2.72 20.43
CA TRP A 230 0.74 -1.90 19.25
C TRP A 230 -0.70 -1.73 18.79
N VAL A 231 -1.54 -2.76 18.94
CA VAL A 231 -2.93 -2.60 18.52
C VAL A 231 -3.69 -1.74 19.51
N ASP A 232 -3.40 -1.93 20.80
CA ASP A 232 -4.09 -1.25 21.89
C ASP A 232 -3.29 -0.07 22.45
N ASN A 233 -2.08 0.18 21.96
CA ASN A 233 -1.17 1.13 22.59
C ASN A 233 -0.97 0.83 24.07
N ASP A 234 -1.07 -0.43 24.46
CA ASP A 234 -1.07 -0.83 25.88
C ASP A 234 0.35 -1.06 26.34
N THR A 235 0.96 -0.01 26.87
CA THR A 235 2.37 -0.11 27.26
C THR A 235 2.57 -0.95 28.50
N ARG A 236 1.50 -1.45 29.14
CA ARG A 236 1.68 -2.40 30.23
C ARG A 236 2.32 -3.69 29.76
N TYR A 237 2.36 -3.96 28.46
CA TYR A 237 2.94 -5.20 28.00
C TYR A 237 4.41 -5.06 27.61
N ARG A 238 4.98 -3.86 27.74
CA ARG A 238 6.42 -3.67 27.55
C ARG A 238 7.23 -4.58 28.47
N GLN A 239 6.73 -4.88 29.68
CA GLN A 239 7.50 -5.64 30.65
C GLN A 239 7.85 -7.04 30.15
N PHE A 240 7.09 -7.61 29.22
CA PHE A 240 7.37 -8.94 28.71
C PHE A 240 8.23 -8.92 27.46
N LEU A 241 8.47 -7.75 26.90
CA LEU A 241 9.16 -7.59 25.63
C LEU A 241 10.44 -6.80 25.78
N CYS A 242 10.73 -6.28 26.97
CA CYS A 242 11.86 -5.41 27.21
C CYS A 242 12.65 -5.98 28.37
N ASN A 243 13.97 -5.79 28.34
CA ASN A 243 14.85 -6.33 29.38
C ASN A 243 14.55 -7.82 29.56
N VAL A 244 14.56 -8.55 28.45
CA VAL A 244 14.01 -9.90 28.43
C VAL A 244 15.06 -10.89 28.88
N ASN A 245 14.69 -11.74 29.84
CA ASN A 245 15.50 -12.87 30.29
C ASN A 245 14.55 -14.06 30.35
N ASP A 246 14.46 -14.80 29.25
CA ASP A 246 13.46 -15.85 29.09
C ASP A 246 14.14 -17.18 28.79
N PRO A 247 14.12 -18.14 29.71
CA PRO A 247 14.83 -19.42 29.46
C PRO A 247 14.20 -20.26 28.38
N ALA A 248 12.96 -19.98 27.99
CA ALA A 248 12.38 -20.62 26.82
C ALA A 248 13.08 -20.22 25.53
N LEU A 249 13.80 -19.10 25.53
CA LEU A 249 14.40 -18.59 24.29
C LEU A 249 15.87 -18.97 24.19
N CYS A 250 16.31 -19.30 22.97
CA CYS A 250 17.70 -19.59 22.70
C CYS A 250 18.35 -18.59 21.75
N ASP A 251 17.61 -17.58 21.31
CA ASP A 251 18.17 -16.40 20.68
C ASP A 251 17.21 -15.24 20.93
N PHE A 252 17.73 -14.03 20.94
CA PHE A 252 16.90 -12.84 21.10
C PHE A 252 17.64 -11.69 20.45
N ARG A 253 16.95 -10.95 19.57
CA ARG A 253 17.54 -9.81 18.88
C ARG A 253 16.53 -8.68 18.78
N THR A 254 16.99 -7.45 19.00
CA THR A 254 16.11 -6.30 18.91
C THR A 254 16.92 -5.02 18.74
N ASN A 255 16.29 -4.02 18.12
CA ASN A 255 16.78 -2.65 18.16
C ASN A 255 16.14 -1.82 19.26
N ASN A 256 15.28 -2.44 20.07
CA ASN A 256 14.73 -1.88 21.31
C ASN A 256 13.85 -0.65 21.10
N ARG A 257 13.36 -0.42 19.89
CA ARG A 257 12.57 0.79 19.65
C ARG A 257 11.17 0.71 20.22
N HIS A 258 10.76 -0.43 20.76
CA HIS A 258 9.40 -0.65 21.26
C HIS A 258 9.27 -0.38 22.75
N CYS A 259 10.37 -0.09 23.43
CA CYS A 259 10.38 -0.06 24.88
C CYS A 259 10.23 1.33 25.47
N GLN A 260 10.15 2.35 24.63
CA GLN A 260 9.93 3.72 25.13
C GLN A 260 9.33 4.58 24.06
N MET B 2 -3.92 7.07 14.85
CA MET B 2 -4.70 7.22 13.61
C MET B 2 -3.90 7.82 12.48
N SER B 3 -3.82 7.09 11.37
CA SER B 3 -2.97 7.47 10.25
C SER B 3 -3.82 7.89 9.06
N ASN B 4 -3.16 8.57 8.12
CA ASN B 4 -3.76 8.93 6.84
C ASN B 4 -4.35 7.70 6.17
N PRO B 5 -5.67 7.63 5.96
CA PRO B 5 -6.27 6.40 5.43
C PRO B 5 -5.89 6.10 3.99
N TYR B 6 -5.29 7.03 3.26
CA TYR B 6 -4.91 6.80 1.86
C TYR B 6 -3.45 6.40 1.67
N GLN B 7 -2.66 6.27 2.75
CA GLN B 7 -1.27 5.89 2.58
C GLN B 7 -1.18 4.46 2.09
N ARG B 8 -0.36 4.23 1.06
CA ARG B 8 -0.13 2.91 0.51
C ARG B 8 1.37 2.70 0.33
N GLY B 9 1.83 1.47 0.55
CA GLY B 9 3.23 1.13 0.42
C GLY B 9 4.06 1.63 1.59
N PRO B 10 5.34 1.29 1.59
CA PRO B 10 6.21 1.64 2.71
C PRO B 10 6.86 3.02 2.56
N ASN B 11 7.70 3.38 3.51
CA ASN B 11 8.50 4.59 3.39
C ASN B 11 9.28 4.55 2.08
N PRO B 12 9.13 5.56 1.22
CA PRO B 12 9.81 5.54 -0.08
C PRO B 12 11.28 5.89 0.02
N THR B 13 12.05 5.34 -0.92
CA THR B 13 13.40 5.77 -1.21
C THR B 13 13.45 6.20 -2.67
N ARG B 14 14.43 7.03 -3.02
CA ARG B 14 14.53 7.46 -4.41
C ARG B 14 14.68 6.25 -5.35
N SER B 15 15.48 5.25 -4.96
CA SER B 15 15.68 4.12 -5.85
C SER B 15 14.39 3.32 -6.04
N ALA B 16 13.60 3.16 -4.99
CA ALA B 16 12.32 2.47 -5.14
C ALA B 16 11.43 3.16 -6.15
N LEU B 17 11.53 4.49 -6.27
CA LEU B 17 10.69 5.23 -7.20
C LEU B 17 11.24 5.21 -8.62
N THR B 18 12.43 4.65 -8.83
CA THR B 18 12.99 4.43 -10.16
C THR B 18 12.63 3.08 -10.72
N ALA B 19 11.82 2.28 -10.01
CA ALA B 19 11.48 0.95 -10.45
C ALA B 19 10.00 0.71 -10.15
N ASP B 20 9.48 -0.40 -10.66
CA ASP B 20 8.10 -0.77 -10.36
C ASP B 20 7.95 -1.04 -8.86
N GLY B 21 6.80 -0.67 -8.30
CA GLY B 21 6.65 -0.57 -6.88
C GLY B 21 6.12 -1.82 -6.20
N PRO B 22 5.58 -1.67 -4.99
CA PRO B 22 5.27 -2.83 -4.15
C PRO B 22 3.98 -3.55 -4.49
N PHE B 23 3.23 -3.14 -5.51
CA PHE B 23 1.97 -3.79 -5.87
C PHE B 23 2.10 -4.47 -7.23
N SER B 24 1.53 -5.67 -7.35
CA SER B 24 1.37 -6.29 -8.67
C SER B 24 0.30 -5.57 -9.47
N VAL B 25 0.43 -5.66 -10.80
CA VAL B 25 -0.37 -4.86 -11.72
C VAL B 25 -1.14 -5.78 -12.65
N ALA B 26 -2.44 -5.56 -12.75
CA ALA B 26 -3.28 -6.16 -13.78
C ALA B 26 -3.51 -5.13 -14.88
N THR B 27 -3.70 -5.61 -16.12
CA THR B 27 -3.95 -4.71 -17.23
C THR B 27 -5.23 -5.10 -17.96
N TYR B 28 -5.98 -4.09 -18.39
CA TYR B 28 -7.22 -4.29 -19.13
C TYR B 28 -7.23 -3.41 -20.36
N THR B 29 -7.40 -4.02 -21.53
CA THR B 29 -7.38 -3.29 -22.79
C THR B 29 -8.80 -2.79 -23.07
N VAL B 30 -8.93 -1.47 -23.20
CA VAL B 30 -10.17 -0.82 -23.56
C VAL B 30 -10.19 -0.65 -25.08
N SER B 31 -11.08 -1.37 -25.76
CA SER B 31 -11.10 -1.27 -27.21
C SER B 31 -11.69 0.05 -27.67
N ARG B 32 -11.24 0.49 -28.85
CA ARG B 32 -11.76 1.71 -29.48
C ARG B 32 -13.27 1.65 -29.64
N LEU B 33 -13.81 0.52 -30.09
CA LEU B 33 -15.24 0.44 -30.36
C LEU B 33 -16.07 0.44 -29.09
N SER B 34 -15.51 0.01 -27.95
CA SER B 34 -16.29 -0.17 -26.74
C SER B 34 -16.63 1.12 -26.00
N VAL B 35 -16.06 2.26 -26.38
CA VAL B 35 -16.27 3.48 -25.61
C VAL B 35 -16.50 4.67 -26.53
N SER B 36 -17.27 5.63 -26.05
CA SER B 36 -17.50 6.91 -26.69
C SER B 36 -16.61 7.97 -26.04
N GLY B 37 -16.29 9.00 -26.81
CA GLY B 37 -15.57 10.15 -26.30
C GLY B 37 -14.06 10.03 -26.25
N PHE B 38 -13.50 8.84 -26.43
CA PHE B 38 -12.05 8.69 -26.60
C PHE B 38 -11.80 7.40 -27.36
N GLY B 39 -10.52 7.13 -27.64
CA GLY B 39 -10.15 6.02 -28.49
C GLY B 39 -9.76 4.77 -27.72
N GLY B 40 -10.41 4.53 -26.58
CA GLY B 40 -10.01 3.37 -25.79
C GLY B 40 -8.69 3.60 -25.08
N GLY B 41 -7.99 2.50 -24.80
CA GLY B 41 -6.70 2.59 -24.19
C GLY B 41 -6.43 1.34 -23.35
N VAL B 42 -5.61 1.52 -22.32
CA VAL B 42 -5.20 0.44 -21.43
C VAL B 42 -5.33 0.91 -20.00
N ILE B 43 -5.92 0.07 -19.14
CA ILE B 43 -5.98 0.30 -17.70
C ILE B 43 -4.93 -0.56 -17.00
N TYR B 44 -4.07 0.09 -16.21
CA TYR B 44 -3.14 -0.58 -15.31
C TYR B 44 -3.63 -0.33 -13.89
N TYR B 45 -3.80 -1.40 -13.12
CA TYR B 45 -4.35 -1.22 -11.78
C TYR B 45 -3.80 -2.27 -10.84
N PRO B 46 -3.72 -1.98 -9.53
CA PRO B 46 -3.17 -2.97 -8.59
C PRO B 46 -4.05 -4.21 -8.53
N THR B 47 -3.39 -5.36 -8.40
CA THR B 47 -4.03 -6.65 -8.19
C THR B 47 -3.37 -7.32 -7.00
N GLY B 48 -3.99 -8.39 -6.51
CA GLY B 48 -3.43 -9.04 -5.34
C GLY B 48 -3.59 -8.26 -4.06
N THR B 49 -4.42 -7.23 -4.06
CA THR B 49 -4.64 -6.37 -2.91
C THR B 49 -6.11 -5.99 -2.85
N SER B 50 -6.60 -5.74 -1.64
CA SER B 50 -7.99 -5.35 -1.45
C SER B 50 -8.13 -3.88 -1.08
N LEU B 51 -7.03 -3.14 -1.05
CA LEU B 51 -7.08 -1.71 -0.81
C LEU B 51 -7.65 -1.00 -2.05
N THR B 52 -8.02 0.26 -1.86
CA THR B 52 -8.47 1.11 -2.95
C THR B 52 -7.46 2.22 -3.18
N PHE B 53 -7.47 2.75 -4.39
CA PHE B 53 -6.43 3.67 -4.83
C PHE B 53 -7.05 4.79 -5.66
N GLY B 54 -6.36 5.93 -5.70
CA GLY B 54 -6.76 6.99 -6.59
C GLY B 54 -6.58 6.63 -8.05
N GLY B 55 -7.27 7.37 -8.92
CA GLY B 55 -7.23 7.14 -10.35
C GLY B 55 -6.49 8.25 -11.09
N ILE B 56 -5.85 7.87 -12.20
CA ILE B 56 -5.11 8.79 -13.05
C ILE B 56 -5.45 8.49 -14.50
N ALA B 57 -5.87 9.51 -15.26
CA ALA B 57 -6.01 9.41 -16.71
C ALA B 57 -4.82 10.11 -17.36
N MET B 58 -4.21 9.45 -18.35
CA MET B 58 -3.01 9.97 -19.01
C MET B 58 -3.19 9.98 -20.52
N SER B 59 -2.77 11.07 -21.16
CA SER B 59 -2.92 11.22 -22.60
C SER B 59 -1.55 11.28 -23.27
N PRO B 60 -1.33 10.53 -24.34
CA PRO B 60 -0.07 10.64 -25.07
C PRO B 60 -0.11 11.87 -25.99
N GLY B 61 0.98 12.04 -26.73
CA GLY B 61 1.16 13.23 -27.54
C GLY B 61 0.71 13.06 -28.98
N TYR B 62 0.96 14.12 -29.75
CA TYR B 62 0.64 14.16 -31.16
C TYR B 62 1.25 12.97 -31.90
N THR B 63 0.43 12.35 -32.76
CA THR B 63 0.73 11.18 -33.59
C THR B 63 0.93 9.90 -32.77
N ALA B 64 0.93 10.00 -31.44
CA ALA B 64 1.30 8.87 -30.61
C ALA B 64 0.08 8.11 -30.11
N ASP B 65 0.30 6.90 -29.64
CA ASP B 65 -0.77 6.14 -29.00
C ASP B 65 -0.36 5.77 -27.58
N ALA B 66 -1.27 5.09 -26.88
CA ALA B 66 -1.09 4.78 -25.46
C ALA B 66 0.20 4.03 -25.18
N SER B 67 0.71 3.28 -26.16
CA SER B 67 1.93 2.51 -25.97
C SER B 67 3.12 3.39 -25.62
N SER B 68 3.11 4.66 -26.03
CA SER B 68 4.23 5.54 -25.70
C SER B 68 4.30 5.89 -24.21
N LEU B 69 3.24 5.62 -23.43
CA LEU B 69 3.28 5.90 -22.01
C LEU B 69 3.08 4.63 -21.18
N ALA B 70 3.14 3.45 -21.80
CA ALA B 70 2.83 2.20 -21.09
C ALA B 70 3.79 1.96 -19.95
N TRP B 71 5.08 2.25 -20.17
CA TRP B 71 6.06 2.11 -19.10
C TRP B 71 5.65 2.91 -17.87
N LEU B 72 5.08 4.11 -18.07
CA LEU B 72 4.73 4.97 -16.95
C LEU B 72 3.37 4.59 -16.36
N GLY B 73 2.44 4.18 -17.22
CA GLY B 73 1.17 3.67 -16.73
C GLY B 73 1.38 2.51 -15.77
N ARG B 74 2.20 1.54 -16.18
CA ARG B 74 2.48 0.40 -15.33
C ARG B 74 3.27 0.81 -14.09
N ARG B 75 4.23 1.72 -14.26
CA ARG B 75 5.04 2.17 -13.12
C ARG B 75 4.16 2.81 -12.05
N LEU B 76 3.30 3.75 -12.43
CA LEU B 76 2.41 4.39 -11.47
C LEU B 76 1.50 3.36 -10.79
N ALA B 77 0.86 2.51 -11.59
CA ALA B 77 -0.07 1.54 -11.01
C ALA B 77 0.62 0.65 -9.99
N SER B 78 1.85 0.22 -10.29
CA SER B 78 2.64 -0.59 -9.38
C SER B 78 2.97 0.12 -8.07
N HIS B 79 2.90 1.44 -8.02
CA HIS B 79 3.09 2.13 -6.75
C HIS B 79 1.76 2.47 -6.07
N GLY B 80 0.64 2.06 -6.64
CA GLY B 80 -0.63 2.22 -5.96
C GLY B 80 -1.57 3.20 -6.63
N PHE B 81 -1.88 2.97 -7.91
CA PHE B 81 -2.80 3.85 -8.63
C PHE B 81 -3.56 3.04 -9.66
N VAL B 82 -4.77 3.49 -9.98
CA VAL B 82 -5.54 2.99 -11.09
C VAL B 82 -5.31 3.93 -12.25
N VAL B 83 -4.69 3.45 -13.32
CA VAL B 83 -4.18 4.31 -14.38
C VAL B 83 -4.80 3.91 -15.70
N LEU B 84 -5.45 4.86 -16.36
CA LEU B 84 -5.97 4.65 -17.71
C LEU B 84 -5.19 5.55 -18.66
N VAL B 85 -4.40 4.93 -19.53
CA VAL B 85 -3.69 5.60 -20.60
C VAL B 85 -4.55 5.49 -21.86
N ILE B 86 -4.99 6.64 -22.39
CA ILE B 86 -5.94 6.66 -23.49
C ILE B 86 -5.21 6.63 -24.82
N ASN B 87 -5.89 6.08 -25.81
CA ASN B 87 -5.69 6.44 -27.20
C ASN B 87 -6.71 7.51 -27.56
N THR B 88 -6.30 8.42 -28.42
CA THR B 88 -7.19 9.48 -28.86
C THR B 88 -8.02 9.03 -30.06
N ASN B 89 -9.17 9.68 -30.24
CA ASN B 89 -10.02 9.39 -31.38
C ASN B 89 -9.22 9.44 -32.68
N SER B 90 -8.39 10.48 -32.85
CA SER B 90 -7.51 10.60 -33.99
C SER B 90 -6.08 10.90 -33.51
N ARG B 91 -5.08 10.32 -34.18
CA ARG B 91 -3.70 10.62 -33.85
C ARG B 91 -3.36 12.09 -33.98
N PHE B 92 -4.13 12.84 -34.78
CA PHE B 92 -3.85 14.25 -35.02
C PHE B 92 -4.68 15.17 -34.15
N ASP B 93 -5.37 14.64 -33.15
CA ASP B 93 -6.11 15.48 -32.22
C ASP B 93 -5.18 16.46 -31.51
N GLY B 94 -5.64 17.69 -31.31
CA GLY B 94 -4.88 18.71 -30.64
C GLY B 94 -5.07 18.68 -29.12
N PRO B 95 -4.45 19.64 -28.41
CA PRO B 95 -4.48 19.59 -26.93
C PRO B 95 -5.87 19.71 -26.32
N ASP B 96 -6.69 20.66 -26.76
CA ASP B 96 -7.99 20.80 -26.14
C ASP B 96 -8.88 19.59 -26.40
N SER B 97 -8.74 18.97 -27.57
CA SER B 97 -9.40 17.72 -27.84
C SER B 97 -8.92 16.62 -26.89
N ARG B 98 -7.62 16.61 -26.59
CA ARG B 98 -7.09 15.65 -25.63
C ARG B 98 -7.63 15.91 -24.23
N ALA B 99 -7.87 17.19 -23.88
CA ALA B 99 -8.49 17.51 -22.60
C ALA B 99 -9.90 16.91 -22.52
N SER B 100 -10.72 17.11 -23.56
CA SER B 100 -12.08 16.57 -23.53
C SER B 100 -12.07 15.05 -23.46
N GLN B 101 -11.13 14.41 -24.15
CA GLN B 101 -11.06 12.95 -24.13
C GLN B 101 -10.60 12.44 -22.77
N LEU B 102 -9.69 13.18 -22.11
CA LEU B 102 -9.34 12.85 -20.73
C LEU B 102 -10.56 12.93 -19.83
N SER B 103 -11.41 13.96 -20.03
CA SER B 103 -12.65 14.04 -19.25
C SER B 103 -13.51 12.80 -19.45
N ALA B 104 -13.67 12.38 -20.72
CA ALA B 104 -14.48 11.20 -21.01
C ALA B 104 -13.84 9.95 -20.42
N ALA B 105 -12.51 9.87 -20.44
CA ALA B 105 -11.84 8.70 -19.90
C ALA B 105 -12.05 8.56 -18.40
N LEU B 106 -12.03 9.68 -17.67
CA LEU B 106 -12.27 9.62 -16.23
C LEU B 106 -13.70 9.25 -15.90
N ASN B 107 -14.66 9.76 -16.68
CA ASN B 107 -16.04 9.36 -16.46
C ASN B 107 -16.21 7.87 -16.73
N TYR B 108 -15.63 7.37 -17.83
CA TYR B 108 -15.69 5.93 -18.12
C TYR B 108 -15.06 5.13 -16.99
N LEU B 109 -13.87 5.53 -16.55
CA LEU B 109 -13.15 4.78 -15.53
C LEU B 109 -13.96 4.64 -14.25
N ARG B 110 -14.64 5.73 -13.86
CA ARG B 110 -15.44 5.75 -12.65
C ARG B 110 -16.74 4.96 -12.80
N THR B 111 -17.30 4.92 -14.00
CA THR B 111 -18.66 4.45 -14.19
C THR B 111 -18.77 3.12 -14.92
N SER B 112 -18.00 2.92 -15.99
CA SER B 112 -18.22 1.80 -16.91
C SER B 112 -17.02 0.87 -17.07
N SER B 113 -15.90 1.12 -16.41
CA SER B 113 -14.77 0.22 -16.52
C SER B 113 -15.15 -1.13 -15.88
N PRO B 114 -14.35 -2.18 -16.09
CA PRO B 114 -14.73 -3.49 -15.51
C PRO B 114 -14.91 -3.42 -14.00
N SER B 115 -15.76 -4.33 -13.49
CA SER B 115 -16.03 -4.37 -12.05
C SER B 115 -14.75 -4.47 -11.22
N ALA B 116 -13.77 -5.26 -11.68
CA ALA B 116 -12.55 -5.42 -10.90
C ALA B 116 -11.74 -4.13 -10.85
N VAL B 117 -11.88 -3.28 -11.87
CA VAL B 117 -11.19 -2.00 -11.87
C VAL B 117 -11.85 -1.04 -10.88
N ARG B 118 -13.17 -0.86 -11.01
CA ARG B 118 -13.87 0.04 -10.10
C ARG B 118 -13.81 -0.42 -8.66
N ALA B 119 -13.56 -1.71 -8.41
CA ALA B 119 -13.42 -2.19 -7.03
C ALA B 119 -12.13 -1.71 -6.38
N ARG B 120 -11.09 -1.42 -7.16
CA ARG B 120 -9.83 -0.93 -6.62
C ARG B 120 -9.73 0.59 -6.67
N LEU B 121 -10.76 1.27 -7.17
CA LEU B 121 -10.71 2.69 -7.48
C LEU B 121 -11.48 3.47 -6.43
N ASP B 122 -10.85 4.50 -5.88
CA ASP B 122 -11.54 5.52 -5.10
C ASP B 122 -11.80 6.69 -6.03
N ALA B 123 -13.04 6.79 -6.52
CA ALA B 123 -13.38 7.79 -7.54
C ALA B 123 -13.36 9.22 -7.01
N ASN B 124 -13.24 9.41 -5.70
CA ASN B 124 -13.16 10.76 -5.16
C ASN B 124 -11.76 11.36 -5.28
N ARG B 125 -10.76 10.59 -5.74
CA ARG B 125 -9.38 11.04 -5.79
C ARG B 125 -8.84 10.74 -7.18
N LEU B 126 -8.93 11.73 -8.08
CA LEU B 126 -8.55 11.57 -9.48
C LEU B 126 -7.52 12.61 -9.86
N ALA B 127 -6.68 12.27 -10.84
CA ALA B 127 -5.59 13.11 -11.28
C ALA B 127 -5.36 12.86 -12.77
N VAL B 128 -4.55 13.74 -13.39
CA VAL B 128 -4.29 13.64 -14.82
C VAL B 128 -2.79 13.84 -15.11
N ALA B 129 -2.36 13.30 -16.24
CA ALA B 129 -1.00 13.50 -16.73
C ALA B 129 -1.01 13.33 -18.24
N GLY B 130 0.02 13.84 -18.89
CA GLY B 130 -0.01 13.76 -20.35
C GLY B 130 1.30 14.18 -20.96
N HIS B 131 1.58 13.65 -22.16
CA HIS B 131 2.80 13.95 -22.88
C HIS B 131 2.53 14.94 -24.00
N ALA B 132 3.29 16.04 -24.01
CA ALA B 132 3.35 16.96 -25.16
C ALA B 132 1.97 17.57 -25.38
N MET B 133 1.31 17.38 -26.54
CA MET B 133 -0.05 17.90 -26.67
C MET B 133 -0.97 17.29 -25.63
N GLY B 134 -0.69 16.06 -25.20
CA GLY B 134 -1.41 15.49 -24.07
C GLY B 134 -1.17 16.23 -22.77
N GLY B 135 0.02 16.83 -22.62
CA GLY B 135 0.27 17.66 -21.46
C GLY B 135 -0.40 19.02 -21.56
N GLY B 136 -0.52 19.54 -22.78
CA GLY B 136 -1.38 20.69 -23.01
C GLY B 136 -2.82 20.39 -22.62
N GLY B 137 -3.34 19.24 -23.05
CA GLY B 137 -4.67 18.83 -22.63
C GLY B 137 -4.78 18.64 -21.13
N THR B 138 -3.68 18.23 -20.49
CA THR B 138 -3.68 18.06 -19.04
C THR B 138 -3.87 19.41 -18.35
N LEU B 139 -3.17 20.44 -18.83
CA LEU B 139 -3.33 21.76 -18.24
C LEU B 139 -4.75 22.27 -18.42
N ARG B 140 -5.35 22.00 -19.59
CA ARG B 140 -6.69 22.47 -19.90
C ARG B 140 -7.74 21.80 -19.02
N ILE B 141 -7.67 20.46 -18.87
CA ILE B 141 -8.67 19.79 -18.05
C ILE B 141 -8.54 20.19 -16.58
N ALA B 142 -7.31 20.47 -16.12
CA ALA B 142 -7.15 20.93 -14.75
C ALA B 142 -7.83 22.28 -14.55
N GLU B 143 -7.73 23.15 -15.55
CA GLU B 143 -8.45 24.41 -15.54
C GLU B 143 -9.96 24.18 -15.57
N GLN B 144 -10.41 23.17 -16.31
CA GLN B 144 -11.84 22.89 -16.43
C GLN B 144 -12.41 22.17 -15.21
N ASN B 145 -11.58 21.53 -14.40
CA ASN B 145 -12.06 20.59 -13.39
C ASN B 145 -11.26 20.75 -12.11
N PRO B 146 -11.66 21.71 -11.26
CA PRO B 146 -10.93 21.91 -9.99
C PRO B 146 -11.06 20.76 -9.01
N SER B 147 -11.96 19.80 -9.23
CA SER B 147 -12.04 18.66 -8.31
C SER B 147 -10.85 17.71 -8.47
N LEU B 148 -10.10 17.81 -9.55
CA LEU B 148 -8.92 16.96 -9.75
C LEU B 148 -7.88 17.24 -8.67
N LYS B 149 -7.24 16.18 -8.19
CA LYS B 149 -6.27 16.32 -7.10
C LYS B 149 -4.91 16.78 -7.58
N ALA B 150 -4.54 16.53 -8.83
CA ALA B 150 -3.19 16.88 -9.30
C ALA B 150 -3.13 16.78 -10.83
N ALA B 151 -2.12 17.45 -11.41
CA ALA B 151 -1.88 17.42 -12.85
C ALA B 151 -0.38 17.43 -13.11
N VAL B 152 0.09 16.51 -13.96
CA VAL B 152 1.51 16.47 -14.30
C VAL B 152 1.67 16.51 -15.82
N PRO B 153 1.89 17.70 -16.41
CA PRO B 153 2.18 17.79 -17.85
C PRO B 153 3.64 17.46 -18.12
N LEU B 154 3.87 16.51 -19.04
CA LEU B 154 5.21 16.07 -19.40
C LEU B 154 5.57 16.66 -20.76
N THR B 155 6.72 17.36 -20.82
CA THR B 155 7.17 18.17 -21.96
C THR B 155 5.97 18.73 -22.72
N PRO B 156 5.13 19.53 -22.07
CA PRO B 156 3.82 19.88 -22.66
C PRO B 156 3.94 20.84 -23.83
N TRP B 157 2.88 20.85 -24.65
CA TRP B 157 2.75 21.73 -25.81
C TRP B 157 1.35 22.32 -25.83
N HIS B 158 1.24 23.63 -26.07
CA HIS B 158 -0.06 24.27 -26.26
C HIS B 158 0.13 25.63 -26.91
N THR B 159 -0.86 26.04 -27.71
CA THR B 159 -0.91 27.40 -28.23
C THR B 159 -1.32 28.39 -27.15
N ASP B 160 -2.25 27.99 -26.28
CA ASP B 160 -2.58 28.76 -25.09
C ASP B 160 -1.46 28.65 -24.06
N LYS B 161 -1.05 29.79 -23.50
CA LYS B 161 0.01 29.83 -22.51
C LYS B 161 -0.48 30.08 -21.09
N THR B 162 -1.76 30.37 -20.89
CA THR B 162 -2.28 30.74 -19.57
C THR B 162 -3.40 29.80 -19.19
N PHE B 163 -3.22 29.09 -18.09
CA PHE B 163 -4.21 28.15 -17.56
C PHE B 163 -4.56 28.58 -16.14
N ASN B 164 -5.84 28.83 -15.90
CA ASN B 164 -6.30 29.34 -14.61
C ASN B 164 -6.85 28.15 -13.83
N THR B 165 -5.94 27.43 -13.19
CA THR B 165 -6.31 26.24 -12.46
C THR B 165 -5.85 26.37 -11.01
N SER B 166 -6.69 25.86 -10.11
CA SER B 166 -6.33 25.68 -8.72
C SER B 166 -5.74 24.31 -8.44
N VAL B 167 -5.69 23.43 -9.43
CA VAL B 167 -5.19 22.06 -9.26
C VAL B 167 -3.67 22.09 -9.13
N PRO B 168 -3.09 21.42 -8.13
CA PRO B 168 -1.62 21.39 -8.03
C PRO B 168 -0.98 20.80 -9.28
N VAL B 169 0.04 21.51 -9.79
CA VAL B 169 0.64 21.23 -11.10
C VAL B 169 2.14 21.03 -10.91
N LEU B 170 2.66 19.91 -11.43
CA LEU B 170 4.09 19.73 -11.59
C LEU B 170 4.37 19.53 -13.08
N ILE B 171 5.12 20.45 -13.67
CA ILE B 171 5.47 20.40 -15.08
C ILE B 171 6.89 19.87 -15.20
N VAL B 172 7.09 18.94 -16.14
CA VAL B 172 8.42 18.42 -16.44
C VAL B 172 8.85 18.98 -17.78
N GLY B 173 9.88 19.83 -17.80
CA GLY B 173 10.45 20.28 -19.04
C GLY B 173 11.65 19.43 -19.48
N ALA B 174 11.93 19.46 -20.79
CA ALA B 174 13.11 18.81 -21.35
C ALA B 174 14.03 19.87 -21.93
N GLU B 175 15.24 20.00 -21.35
CA GLU B 175 16.11 21.13 -21.68
C GLU B 175 16.36 21.23 -23.17
N ALA B 176 16.52 20.09 -23.85
CA ALA B 176 16.86 20.06 -25.27
C ALA B 176 15.64 19.93 -26.16
N ASP B 177 14.43 20.07 -25.62
CA ASP B 177 13.23 19.93 -26.44
C ASP B 177 13.22 20.95 -27.58
N THR B 178 13.23 20.45 -28.82
CA THR B 178 13.11 21.29 -29.99
C THR B 178 11.71 21.26 -30.60
N VAL B 179 10.83 20.39 -30.11
CA VAL B 179 9.45 20.30 -30.60
C VAL B 179 8.53 21.23 -29.80
N ALA B 180 8.68 21.20 -28.48
CA ALA B 180 7.97 22.09 -27.56
C ALA B 180 9.02 22.77 -26.69
N PRO B 181 9.77 23.72 -27.24
CA PRO B 181 10.88 24.33 -26.50
C PRO B 181 10.39 24.92 -25.18
N VAL B 182 11.15 24.64 -24.11
CA VAL B 182 10.69 25.03 -22.78
C VAL B 182 10.48 26.53 -22.67
N SER B 183 11.26 27.32 -23.41
CA SER B 183 11.09 28.77 -23.31
C SER B 183 9.76 29.23 -23.91
N GLN B 184 9.16 28.43 -24.78
CA GLN B 184 7.91 28.79 -25.45
C GLN B 184 6.69 28.09 -24.87
N HIS B 185 6.88 27.02 -24.09
CA HIS B 185 5.75 26.19 -23.64
C HIS B 185 5.82 25.96 -22.14
N ALA B 186 6.63 24.98 -21.72
CA ALA B 186 6.66 24.54 -20.33
C ALA B 186 6.87 25.70 -19.36
N ILE B 187 7.85 26.56 -19.62
CA ILE B 187 8.17 27.61 -18.65
C ILE B 187 7.08 28.67 -18.62
N PRO B 188 6.58 29.17 -19.76
CA PRO B 188 5.39 30.05 -19.69
C PRO B 188 4.19 29.40 -19.02
N PHE B 189 3.92 28.13 -19.29
CA PHE B 189 2.84 27.44 -18.59
C PHE B 189 3.03 27.56 -17.08
N TYR B 190 4.23 27.27 -16.60
CA TYR B 190 4.49 27.33 -15.18
C TYR B 190 4.33 28.76 -14.66
N GLN B 191 4.84 29.74 -15.41
CA GLN B 191 4.87 31.10 -14.89
C GLN B 191 3.48 31.71 -14.84
N ASN B 192 2.61 31.29 -15.76
CA ASN B 192 1.29 31.90 -15.91
C ASN B 192 0.23 31.22 -15.04
N LEU B 193 0.57 30.14 -14.35
CA LEU B 193 -0.35 29.55 -13.39
C LEU B 193 -0.58 30.53 -12.24
N PRO B 194 -1.77 30.49 -11.61
CA PRO B 194 -2.03 31.41 -10.49
C PRO B 194 -0.96 31.31 -9.41
N SER B 195 -0.61 32.48 -8.86
CA SER B 195 0.51 32.61 -7.93
C SER B 195 0.38 31.68 -6.73
N THR B 196 -0.85 31.37 -6.33
CA THR B 196 -1.11 30.61 -5.10
C THR B 196 -1.52 29.17 -5.37
N THR B 197 -1.54 28.74 -6.62
CA THR B 197 -1.70 27.31 -6.91
C THR B 197 -0.38 26.62 -6.61
N PRO B 198 -0.37 25.57 -5.79
CA PRO B 198 0.89 24.85 -5.56
C PRO B 198 1.44 24.36 -6.88
N LYS B 199 2.69 24.72 -7.17
CA LYS B 199 3.23 24.40 -8.49
C LYS B 199 4.71 24.11 -8.37
N VAL B 200 5.18 23.20 -9.25
CA VAL B 200 6.60 22.85 -9.37
C VAL B 200 6.96 22.77 -10.86
N TYR B 201 8.13 23.29 -11.20
CA TYR B 201 8.72 23.09 -12.52
C TYR B 201 10.04 22.35 -12.35
N VAL B 202 10.20 21.23 -13.03
CA VAL B 202 11.48 20.54 -13.11
C VAL B 202 11.86 20.43 -14.58
N GLU B 203 13.13 20.67 -14.88
CA GLU B 203 13.64 20.61 -16.25
C GLU B 203 14.75 19.56 -16.30
N LEU B 204 14.58 18.55 -17.16
CA LEU B 204 15.57 17.48 -17.24
C LEU B 204 16.78 17.93 -18.07
N CYS B 205 17.99 17.76 -17.53
CA CYS B 205 19.20 18.17 -18.25
C CYS B 205 19.33 17.41 -19.56
N ASN B 206 19.53 18.16 -20.65
CA ASN B 206 19.87 17.66 -21.99
C ASN B 206 18.82 16.70 -22.56
N ALA B 207 17.61 16.68 -22.02
CA ALA B 207 16.62 15.69 -22.42
C ALA B 207 15.89 16.13 -23.68
N SER B 208 15.52 15.15 -24.49
CA SER B 208 14.80 15.41 -25.72
C SER B 208 13.28 15.42 -25.50
N HIS B 209 12.55 15.81 -26.53
CA HIS B 209 11.09 15.78 -26.49
C HIS B 209 10.54 14.38 -26.22
N ILE B 210 11.23 13.33 -26.65
CA ILE B 210 10.69 11.97 -26.53
C ILE B 210 11.19 11.25 -25.27
N ALA B 211 11.85 11.97 -24.36
CA ALA B 211 12.25 11.36 -23.11
C ALA B 211 11.10 10.72 -22.33
N PRO B 212 9.90 11.31 -22.27
CA PRO B 212 8.80 10.64 -21.55
C PRO B 212 8.29 9.36 -22.22
N ASN B 213 8.71 9.05 -23.45
CA ASN B 213 8.20 7.88 -24.15
C ASN B 213 8.97 6.59 -23.82
N SER B 214 9.93 6.66 -22.91
CA SER B 214 10.65 5.47 -22.48
C SER B 214 11.06 5.66 -21.03
N ASN B 215 11.47 4.56 -20.40
CA ASN B 215 11.79 4.58 -18.98
C ASN B 215 12.69 5.76 -18.64
N ASN B 216 12.33 6.48 -17.59
CA ASN B 216 13.04 7.69 -17.23
C ASN B 216 12.97 7.85 -15.71
N ALA B 217 14.13 7.74 -15.06
CA ALA B 217 14.16 7.71 -13.60
C ALA B 217 13.60 8.98 -13.01
N ALA B 218 14.04 10.13 -13.52
CA ALA B 218 13.62 11.40 -12.94
C ALA B 218 12.13 11.63 -13.14
N ILE B 219 11.62 11.38 -14.35
CA ILE B 219 10.18 11.49 -14.57
C ILE B 219 9.42 10.59 -13.60
N SER B 220 9.97 9.41 -13.31
CA SER B 220 9.30 8.49 -12.40
C SER B 220 9.30 9.02 -10.96
N VAL B 221 10.43 9.53 -10.50
CA VAL B 221 10.50 10.06 -9.13
C VAL B 221 9.51 11.22 -8.95
N TYR B 222 9.55 12.19 -9.87
CA TYR B 222 8.74 13.39 -9.65
C TYR B 222 7.26 13.16 -9.91
N THR B 223 6.91 12.29 -10.88
CA THR B 223 5.51 12.03 -11.14
C THR B 223 4.88 11.21 -10.02
N ILE B 224 5.54 10.12 -9.59
CA ILE B 224 5.06 9.36 -8.44
C ILE B 224 4.94 10.26 -7.21
N SER B 225 5.95 11.08 -6.96
CA SER B 225 5.94 11.88 -5.73
C SER B 225 4.78 12.87 -5.71
N TRP B 226 4.54 13.56 -6.83
CA TRP B 226 3.45 14.54 -6.87
C TRP B 226 2.08 13.87 -6.81
N MET B 227 1.93 12.72 -7.46
CA MET B 227 0.65 12.01 -7.39
C MET B 227 0.41 11.48 -5.97
N LYS B 228 1.44 10.93 -5.34
CA LYS B 228 1.31 10.48 -3.96
C LYS B 228 0.95 11.64 -3.04
N LEU B 229 1.69 12.76 -3.15
CA LEU B 229 1.47 13.87 -2.24
C LEU B 229 0.05 14.40 -2.31
N TRP B 230 -0.51 14.51 -3.52
CA TRP B 230 -1.80 15.18 -3.71
C TRP B 230 -2.97 14.20 -3.85
N VAL B 231 -2.80 13.09 -4.56
CA VAL B 231 -3.88 12.12 -4.67
C VAL B 231 -4.10 11.40 -3.36
N ASP B 232 -3.00 11.05 -2.67
CA ASP B 232 -3.07 10.28 -1.42
C ASP B 232 -2.89 11.11 -0.15
N ASN B 233 -2.68 12.43 -0.28
CA ASN B 233 -2.33 13.27 0.88
C ASN B 233 -1.09 12.76 1.59
N ASP B 234 -0.18 12.12 0.85
CA ASP B 234 0.88 11.33 1.46
C ASP B 234 2.13 12.18 1.64
N THR B 235 2.30 12.74 2.85
CA THR B 235 3.41 13.64 3.12
C THR B 235 4.76 12.92 3.20
N ARG B 236 4.78 11.59 3.14
CA ARG B 236 6.04 10.87 3.02
C ARG B 236 6.78 11.18 1.73
N TYR B 237 6.12 11.78 0.74
CA TYR B 237 6.76 12.06 -0.54
C TYR B 237 7.19 13.51 -0.69
N ARG B 238 6.98 14.36 0.32
CA ARG B 238 7.52 15.72 0.28
C ARG B 238 9.04 15.74 0.18
N GLN B 239 9.71 14.70 0.69
CA GLN B 239 11.16 14.71 0.73
C GLN B 239 11.77 14.76 -0.66
N PHE B 240 11.07 14.26 -1.67
CA PHE B 240 11.60 14.30 -3.02
C PHE B 240 11.26 15.57 -3.76
N LEU B 241 10.41 16.41 -3.17
CA LEU B 241 9.93 17.62 -3.81
C LEU B 241 10.34 18.88 -3.06
N CYS B 242 11.04 18.74 -1.94
CA CYS B 242 11.35 19.84 -1.05
C CYS B 242 12.84 19.80 -0.72
N ASN B 243 13.45 20.98 -0.64
CA ASN B 243 14.91 21.10 -0.53
C ASN B 243 15.60 20.29 -1.64
N VAL B 244 15.19 20.54 -2.87
CA VAL B 244 15.57 19.67 -3.97
C VAL B 244 17.03 19.96 -4.35
N ASN B 245 17.81 18.90 -4.52
CA ASN B 245 19.19 19.00 -4.99
C ASN B 245 19.43 17.78 -5.88
N ASP B 246 19.16 17.95 -7.17
CA ASP B 246 19.07 16.81 -8.10
C ASP B 246 19.92 17.12 -9.33
N PRO B 247 21.02 16.39 -9.55
CA PRO B 247 21.83 16.63 -10.75
C PRO B 247 21.15 16.23 -12.05
N ALA B 248 20.02 15.53 -12.00
CA ALA B 248 19.26 15.25 -13.22
C ALA B 248 18.53 16.48 -13.74
N LEU B 249 18.44 17.55 -12.95
CA LEU B 249 17.64 18.73 -13.29
C LEU B 249 18.55 19.89 -13.66
N CYS B 250 18.16 20.63 -14.70
CA CYS B 250 18.86 21.85 -15.09
C CYS B 250 18.01 23.10 -14.83
N ASP B 251 16.84 22.93 -14.21
CA ASP B 251 16.03 24.05 -13.74
C ASP B 251 15.07 23.47 -12.72
N PHE B 252 14.71 24.29 -11.74
CA PHE B 252 13.75 23.93 -10.72
C PHE B 252 13.11 25.20 -10.21
N ARG B 253 11.79 25.27 -10.23
CA ARG B 253 11.05 26.42 -9.75
C ARG B 253 9.83 25.93 -8.99
N THR B 254 9.50 26.61 -7.90
CA THR B 254 8.29 26.28 -7.15
C THR B 254 7.92 27.49 -6.31
N ASN B 255 6.64 27.55 -5.90
CA ASN B 255 6.24 28.52 -4.90
C ASN B 255 6.18 27.93 -3.50
N ASN B 256 6.71 26.71 -3.33
CA ASN B 256 6.87 26.05 -2.03
C ASN B 256 5.59 26.09 -1.19
N ARG B 257 4.47 25.75 -1.82
CA ARG B 257 3.22 25.58 -1.10
C ARG B 257 2.93 24.12 -0.76
N HIS B 258 3.64 23.18 -1.38
CA HIS B 258 3.45 21.76 -1.20
C HIS B 258 4.31 21.16 -0.10
N CYS B 259 5.19 21.93 0.53
CA CYS B 259 6.17 21.35 1.44
C CYS B 259 5.70 21.36 2.89
N GLN B 260 4.56 21.99 3.17
CA GLN B 260 4.00 22.05 4.51
C GLN B 260 2.50 22.21 4.35
CA CA C . 11.85 -7.98 -1.32
C10 E7J D . 8.46 -26.75 1.77
C13 E7J D . 9.94 -26.72 -0.04
C15 E7J D . 8.25 -25.58 -1.57
C01 E7J D . 7.51 -24.71 2.92
C02 E7J D . 7.50 -26.09 2.76
C03 E7J D . 6.60 -26.87 3.47
C04 E7J D . 5.73 -26.28 4.37
C05 E7J D . 5.74 -24.90 4.53
C06 E7J D . 6.63 -24.11 3.81
C07 E7J D . 4.77 -24.27 5.52
C14 E7J D . 8.96 -26.88 -1.21
C16 E7J D . 6.89 -25.84 -2.21
O08 E7J D . 4.55 -24.84 6.64
O09 E7J D . 4.21 -23.17 5.22
O11 E7J D . 8.49 -27.94 1.69
O12 E7J D . 9.30 -25.98 0.96
O17 E7J D . 6.80 -27.22 -2.47
C10 E7J E . 4.45 19.97 -33.99
C13 E7J E . 3.57 21.53 -35.43
C15 E7J E . 2.27 19.57 -36.47
C01 E7J E . 3.58 19.45 -31.69
C02 E7J E . 4.27 19.03 -32.82
C03 E7J E . 4.77 17.73 -32.91
C04 E7J E . 4.59 16.85 -31.86
C05 E7J E . 3.91 17.30 -30.73
C06 E7J E . 3.40 18.58 -30.64
C07 E7J E . 3.68 16.34 -29.57
C14 E7J E . 2.24 21.02 -36.00
C16 E7J E . 3.16 19.33 -37.70
O08 E7J E . 2.53 16.30 -29.03
O09 E7J E . 4.62 15.59 -29.19
O11 E7J E . 5.21 19.72 -34.85
O12 E7J E . 3.67 21.12 -34.09
O17 E7J E . 2.33 19.20 -38.84
#